data_2N0J
#
_entry.id   2N0J
#
_cell.length_a   1.000
_cell.length_b   1.000
_cell.length_c   1.000
_cell.angle_alpha   90.00
_cell.angle_beta   90.00
_cell.angle_gamma   90.00
#
_symmetry.space_group_name_H-M   'P 1'
#
loop_
_entity.id
_entity.type
_entity.pdbx_description
1 polymer RNA_(27-MER)
2 non-polymer RIBOSTAMYCIN
#
_entity_poly.entity_id   1
_entity_poly.type   'polyribonucleotide'
_entity_poly.pdbx_seq_one_letter_code
;GGCUGCUUGUCCUUUAAUGGUCCAGUC
;
_entity_poly.pdbx_strand_id   A
#
loop_
_chem_comp.id
_chem_comp.type
_chem_comp.name
_chem_comp.formula
A RNA linking ADENOSINE-5'-MONOPHOSPHATE 'C10 H14 N5 O7 P'
C RNA linking CYTIDINE-5'-MONOPHOSPHATE 'C9 H14 N3 O8 P'
G RNA linking GUANOSINE-5'-MONOPHOSPHATE 'C10 H14 N5 O8 P'
RIO non-polymer RIBOSTAMYCIN 'C17 H34 N4 O10'
U RNA linking URIDINE-5'-MONOPHOSPHATE 'C9 H13 N2 O9 P'
#
# COMPACT_ATOMS: atom_id res chain seq x y z
O1 RIO B . -4.40 -2.84 2.20
C1 RIO B . -3.11 -2.27 2.15
C2 RIO B . -2.21 -3.00 1.12
O2 RIO B . -1.62 -2.09 0.21
C3 RIO B . -0.41 -2.66 -0.29
O3 RIO B . 0.63 -1.69 -0.23
C4 RIO B . 0.86 -0.91 -1.39
C5 RIO B . 2.00 -1.56 -2.18
O4 RIO B . 1.54 -2.79 -2.74
C6 RIO B . 2.53 -0.72 -3.35
N1 RIO B . 3.68 -1.37 -3.99
C7 RIO B . 2.95 0.65 -2.83
C8 RIO B . 1.78 1.32 -2.11
N2 RIO B . 2.20 2.65 -1.68
C9 RIO B . 1.31 0.44 -0.93
O5 RIO B . 0.23 1.17 -0.33
C10 RIO B . 0.07 1.04 1.09
O6 RIO B . 1.07 1.79 1.77
C11 RIO B . 0.98 3.21 1.67
C12 RIO B . 2.13 3.84 2.47
N3 RIO B . 3.43 3.39 1.98
C13 RIO B . -0.37 3.71 2.22
O7 RIO B . -0.47 5.12 2.06
C14 RIO B . -1.50 3.03 1.45
O8 RIO B . -2.75 3.40 1.99
C15 RIO B . -1.34 1.50 1.49
N4 RIO B . -2.36 0.86 0.65
C16 RIO B . -0.06 -3.85 0.61
O9 RIO B . -0.25 -5.06 -0.10
C17 RIO B . -1.02 -3.68 1.79
O10 RIO B . -1.33 -4.88 2.45
HO1 RIO B . -4.84 -2.68 1.35
H1 RIO B . -3.18 -1.23 1.86
H1A RIO B . -2.64 -2.34 3.14
H2 RIO B . -2.80 -3.74 0.57
H3 RIO B . -0.56 -3.00 -1.32
H4 RIO B . -0.03 -0.80 -2.00
H5 RIO B . 2.83 -1.78 -1.50
HO4 RIO B . 2.28 -3.21 -3.19
H6 RIO B . 1.74 -0.58 -4.09
HN1 RIO B . 3.40 -2.27 -4.36
HN1A RIO B . 4.42 -1.49 -3.32
H7 RIO B . 3.78 0.53 -2.13
H7A RIO B . 3.27 1.27 -3.66
H8 RIO B . 0.96 1.44 -2.82
HN2 RIO B . 2.50 3.20 -2.46
HN2A RIO B . 2.97 2.57 -1.02
H9 RIO B . 2.14 0.34 -0.22
H10 RIO B . 0.14 0.00 1.38
H11 RIO B . 1.08 3.51 0.63
H12 RIO B . 2.02 3.57 3.52
H12A RIO B . 2.07 4.92 2.36
HN3 RIO B . 3.74 4.01 1.24
HN3A RIO B . 3.35 2.45 1.63
H13 RIO B . -0.44 3.46 3.28
HO7 RIO B . -1.32 5.40 2.39
H14 RIO B . -1.46 3.35 0.41
HO8 RIO B . -3.21 3.94 1.33
H15 RIO B . -1.50 1.16 2.51
HN4 RIO B . -2.28 -0.15 0.72
HN4A RIO B . -3.27 1.14 0.94
H16 RIO B . 0.97 -3.78 0.94
HO9 RIO B . -1.17 -5.09 -0.39
H17 RIO B . -0.57 -2.99 2.50
HO10 RIO B . -0.53 -5.27 2.80
HN3B RIO B . 4.10 3.41 2.74
HN4B RIO B . -2.21 1.13 -0.31
HN1B RIO B . 4.00 -0.79 -4.75
HN2B RIO B . 1.43 3.12 -1.21
O1 RIO B . -4.03 -2.76 2.75
C1 RIO B . -3.11 -1.97 2.02
C2 RIO B . -2.32 -2.81 1.02
O2 RIO B . -1.57 -1.95 0.19
C3 RIO B . -0.40 -2.61 -0.27
O3 RIO B . 0.71 -1.73 -0.17
C4 RIO B . 1.00 -0.97 -1.32
C5 RIO B . 2.22 -1.58 -1.99
O4 RIO B . 1.93 -2.89 -2.42
C6 RIO B . 2.73 -0.78 -3.21
N1 RIO B . 3.95 -1.37 -3.75
C7 RIO B . 2.99 0.65 -2.77
C8 RIO B . 1.75 1.27 -2.11
N2 RIO B . 2.08 2.65 -1.72
C9 RIO B . 1.31 0.44 -0.89
O5 RIO B . 0.16 1.10 -0.37
C10 RIO B . -0.09 0.99 1.04
O6 RIO B . 0.87 1.73 1.78
C11 RIO B . 0.80 3.15 1.67
C12 RIO B . 1.91 3.77 2.50
N3 RIO B . 3.21 3.42 1.96
C13 RIO B . -0.58 3.65 2.18
O7 RIO B . -0.67 5.05 2.02
C14 RIO B . -1.68 2.97 1.36
O8 RIO B . -2.96 3.31 1.89
C15 RIO B . -1.52 1.44 1.37
N4 RIO B . -2.50 0.84 0.46
C16 RIO B . -0.22 -3.86 0.59
O9 RIO B . -0.41 -5.03 -0.19
C17 RIO B . -1.28 -3.71 1.69
O10 RIO B . -1.82 -4.93 2.14
HO1 RIO B . -4.70 -3.08 2.14
H1 RIO B . -3.66 -1.20 1.50
H1A RIO B . -2.42 -1.49 2.72
H2 RIO B . -2.99 -3.39 0.39
H3 RIO B . -0.55 -2.93 -1.30
H4 RIO B . 0.15 -0.94 -2.02
H5 RIO B . 3.03 -1.64 -1.25
HO4 RIO B . 1.23 -2.85 -3.07
H6 RIO B . 1.95 -0.78 -3.97
HN1 RIO B . 4.26 -0.82 -4.55
HN1A RIO B . 3.78 -2.32 -4.05
H7 RIO B . 3.81 0.67 -2.06
H7A RIO B . 3.27 1.25 -3.64
H8 RIO B . 0.95 1.31 -2.84
HN2 RIO B . 2.85 2.64 -1.07
HN2A RIO B . 1.27 3.08 -1.30
H9 RIO B . 2.14 0.45 -0.17
H10 RIO B . -0.03 -0.06 1.34
H11 RIO B . 0.92 3.46 0.63
H12 RIO B . 1.83 3.40 3.53
H12A RIO B . 1.81 4.86 2.49
HN3 RIO B . 3.46 4.07 1.23
HN3A RIO B . 3.18 2.48 1.58
H13 RIO B . -0.69 3.39 3.22
HO7 RIO B . -1.53 5.33 2.34
H14 RIO B . -1.63 3.32 0.33
HO8 RIO B . -3.27 4.10 1.42
H15 RIO B . -1.74 1.09 2.38
HN4 RIO B . -2.44 -0.17 0.52
HN4A RIO B . -3.43 1.14 0.70
H16 RIO B . 0.77 -3.87 1.03
HO9 RIO B . 0.27 -5.04 -0.87
H17 RIO B . -0.85 -3.18 2.53
HO10 RIO B . -1.11 -5.46 2.52
HN3B RIO B . 3.90 3.45 2.70
HN4B RIO B . -2.29 1.12 -0.50
HN1B RIO B . 4.67 -1.37 -3.05
HN2B RIO B . 2.34 3.19 -2.54
O1 RIO B . -4.03 -2.84 2.50
C1 RIO B . -3.14 -2.10 1.69
C2 RIO B . -2.32 -2.99 0.75
O2 RIO B . -1.55 -2.16 -0.11
C3 RIO B . -0.35 -2.81 -0.48
O3 RIO B . 0.74 -1.92 -0.31
C4 RIO B . 1.06 -1.13 -1.45
C5 RIO B . 2.34 -1.73 -2.07
O4 RIO B . 2.07 -3.02 -2.53
C6 RIO B . 2.87 -0.90 -3.25
N1 RIO B . 4.13 -1.45 -3.77
C7 RIO B . 3.09 0.54 -2.79
C8 RIO B . 1.81 1.11 -2.21
N2 RIO B . 2.04 2.51 -1.83
C9 RIO B . 1.35 0.27 -0.99
O5 RIO B . 0.18 0.94 -0.48
C10 RIO B . -0.12 0.80 0.91
O6 RIO B . 0.80 1.53 1.70
C11 RIO B . 0.71 2.96 1.64
C12 RIO B . 1.74 3.60 2.59
N3 RIO B . 3.11 3.32 2.17
C13 RIO B . -0.70 3.41 2.08
O7 RIO B . -0.82 4.82 1.92
C14 RIO B . -1.77 2.74 1.24
O8 RIO B . -3.06 3.03 1.76
C15 RIO B . -1.57 1.22 1.22
N4 RIO B . -2.52 0.63 0.24
C16 RIO B . -0.21 -4.06 0.41
O9 RIO B . -0.42 -5.22 -0.37
C17 RIO B . -1.29 -3.86 1.47
O10 RIO B . -1.83 -5.06 1.97
HO1 RIO B . -4.77 -3.14 1.96
H1 RIO B . -3.72 -1.39 1.11
H1A RIO B . -2.46 -1.54 2.34
H2 RIO B . -2.98 -3.61 0.14
H3 RIO B . -0.42 -3.14 -1.53
H4 RIO B . 0.26 -1.10 -2.18
H5 RIO B . 3.11 -1.77 -1.30
HO4 RIO B . 2.88 -3.39 -2.89
H6 RIO B . 2.12 -0.90 -4.06
HN1 RIO B . 4.84 -1.45 -3.04
HN1A RIO B . 4.45 -0.89 -4.55
H7 RIO B . 3.87 0.56 -2.03
H7A RIO B . 3.40 1.14 -3.64
H8 RIO B . 1.02 1.10 -2.97
HN2 RIO B . 1.18 2.91 -1.45
HN2A RIO B . 2.31 3.04 -2.64
H9 RIO B . 2.15 0.30 -0.26
H10 RIO B . -0.06 -0.25 1.20
H11 RIO B . 0.90 3.30 0.62
H12 RIO B . 1.59 3.22 3.59
H12A RIO B . 1.59 4.67 2.58
HN3 RIO B . 3.39 3.98 1.47
HN3A RIO B . 3.15 2.38 1.79
H13 RIO B . -0.84 3.15 3.14
HO7 RIO B . -0.16 5.24 2.46
H14 RIO B . -1.71 3.12 0.22
HO8 RIO B . -3.34 3.87 1.39
H15 RIO B . -1.82 0.83 2.21
HN4 RIO B . -2.42 -0.38 0.27
HN4A RIO B . -3.45 0.89 0.48
H16 RIO B . 0.78 -4.10 0.87
HO9 RIO B . 0.27 -5.26 -1.05
H17 RIO B . -0.87 -3.28 2.29
HO10 RIO B . -2.20 -5.56 1.25
HN3B RIO B . 3.72 3.39 2.97
HN4B RIO B . -2.29 0.96 -0.69
HN1B RIO B . 3.98 -2.40 -4.08
HN2B RIO B . 2.78 2.56 -1.14
O1 RIO B . -4.50 -2.79 2.52
C1 RIO B . -3.52 -2.05 1.84
C2 RIO B . -2.78 -2.94 0.83
O2 RIO B . -2.09 -2.13 -0.12
C3 RIO B . -0.95 -2.80 -0.61
O3 RIO B . 0.19 -1.94 -0.55
C4 RIO B . 0.41 -1.11 -1.69
C5 RIO B . 1.58 -1.74 -2.47
O4 RIO B . 1.19 -3.00 -2.97
C6 RIO B . 2.07 -0.89 -3.65
N1 RIO B . 3.24 -1.50 -4.32
C7 RIO B . 2.45 0.50 -3.13
C8 RIO B . 1.31 1.13 -2.35
N2 RIO B . 1.77 2.43 -1.84
C9 RIO B . 0.83 0.24 -1.19
O5 RIO B . -0.28 0.95 -0.63
C10 RIO B . -0.53 0.80 0.76
O6 RIO B . 0.44 1.52 1.53
C11 RIO B . 0.38 2.94 1.48
C12 RIO B . 1.49 3.53 2.37
N3 RIO B . 2.80 3.19 1.86
C13 RIO B . -0.97 3.44 1.99
O7 RIO B . -1.05 4.85 1.86
C14 RIO B . -2.09 2.80 1.14
O8 RIO B . -3.36 3.14 1.69
C15 RIO B . -1.95 1.28 1.11
N4 RIO B . -2.95 0.71 0.17
C16 RIO B . -0.72 -4.03 0.29
O9 RIO B . -1.05 -5.21 -0.41
C17 RIO B . -1.67 -3.76 1.47
O10 RIO B . -2.13 -4.94 2.10
HO1 RIO B . -5.24 -2.95 1.92
H1 RIO B . -4.00 -1.23 1.31
H1A RIO B . -2.80 -1.64 2.55
H2 RIO B . -3.48 -3.58 0.28
H3 RIO B . -1.11 -3.13 -1.63
H4 RIO B . -0.48 -1.02 -2.32
H5 RIO B . 2.41 -1.89 -1.78
HO4 RIO B . 1.94 -3.39 -3.44
H6 RIO B . 1.27 -0.78 -4.38
HN1 RIO B . 4.00 -1.59 -3.66
HN1A RIO B . 3.53 -0.91 -5.09
H7 RIO B . 3.32 0.41 -2.49
H7A RIO B . 2.72 1.13 -3.97
H8 RIO B . 0.48 1.31 -3.04
HN2 RIO B . 2.06 3.01 -2.61
HN2A RIO B . 2.54 2.28 -1.21
H9 RIO B . 1.64 0.14 -0.47
H10 RIO B . -0.47 -0.25 1.03
H11 RIO B . 0.54 3.28 0.45
H12 RIO B . 1.38 3.14 3.39
H12A RIO B . 1.39 4.61 2.39
HN3 RIO B . 3.06 3.85 1.14
HN3A RIO B . 2.79 2.25 1.49
H13 RIO B . -1.10 3.16 3.03
HO7 RIO B . -1.90 5.14 2.18
H14 RIO B . -2.03 3.19 0.12
HO8 RIO B . -3.57 4.04 1.41
H15 RIO B . -2.18 0.89 2.10
HN4 RIO B . -2.90 -0.30 0.20
HN4A RIO B . -3.88 1.01 0.45
H16 RIO B . 0.31 -4.09 0.64
HO9 RIO B . -0.94 -5.95 0.17
H17 RIO B . -1.14 -3.15 2.20
HO10 RIO B . -1.38 -5.40 2.48
HN3B RIO B . 3.48 3.23 2.62
HN4B RIO B . -2.74 1.03 -0.76
HN1B RIO B . 3.00 -2.42 -4.66
HN2B RIO B . 1.01 2.88 -1.35
O1 RIO B . -4.00 -2.53 3.22
C1 RIO B . -3.13 -1.88 2.33
C2 RIO B . -2.42 -2.86 1.38
O2 RIO B . -1.68 -2.12 0.44
C3 RIO B . -0.50 -2.83 0.06
O3 RIO B . 0.63 -1.98 0.11
C4 RIO B . 0.90 -1.25 -1.07
C5 RIO B . 2.10 -1.91 -1.76
O4 RIO B . 1.77 -3.23 -2.14
C6 RIO B . 2.59 -1.16 -3.01
N1 RIO B . 3.81 -1.79 -3.56
C7 RIO B . 2.89 0.27 -2.63
C8 RIO B . 1.69 0.93 -1.95
N2 RIO B . 2.07 2.31 -1.63
C9 RIO B . 1.26 0.15 -0.69
O5 RIO B . 0.15 0.88 -0.15
C10 RIO B . -0.06 0.84 1.26
O6 RIO B . 0.92 1.60 1.94
C11 RIO B . 0.88 3.00 1.76
C12 RIO B . 2.02 3.65 2.57
N3 RIO B . 3.32 3.19 2.12
C13 RIO B . -0.47 3.57 2.25
O7 RIO B . -0.53 4.97 2.03
C14 RIO B . -1.61 2.88 1.49
O8 RIO B . -2.86 3.30 1.98
C15 RIO B . -1.48 1.36 1.61
N4 RIO B . -2.49 0.71 0.75
C16 RIO B . -0.35 -4.01 1.03
O9 RIO B . -0.58 -5.23 0.33
C17 RIO B . -1.41 -3.74 2.10
O10 RIO B . -1.97 -4.91 2.64
HO1 RIO B . -4.74 -2.88 2.71
H1 RIO B . -3.71 -1.17 1.74
H1A RIO B . -2.37 -1.33 2.89
H2 RIO B . -3.15 -3.47 0.83
H3 RIO B . -0.64 -3.22 -0.95
H4 RIO B . 0.03 -1.22 -1.75
H5 RIO B . 2.93 -1.95 -1.04
HO4 RIO B . 2.54 -3.64 -2.53
H6 RIO B . 1.81 -1.18 -3.77
HN1 RIO B . 3.61 -2.74 -3.82
HN1A RIO B . 4.54 -1.77 -2.87
H7 RIO B . 3.73 0.30 -1.94
H7A RIO B . 3.16 0.83 -3.53
H8 RIO B . 0.86 0.98 -2.66
HN2 RIO B . 1.30 2.79 -1.18
HN2A RIO B . 2.32 2.81 -2.47
H9 RIO B . 2.10 0.17 0.01
H10 RIO B . -0.02 -0.20 1.61
H11 RIO B . 1.01 3.26 0.71
H12 RIO B . 1.89 3.41 3.62
H12A RIO B . 1.97 4.74 2.46
HN3 RIO B . 3.64 3.80 1.38
HN3A RIO B . 3.24 2.25 1.76
H13 RIO B . -0.58 3.38 3.31
HO7 RIO B . -1.38 5.28 2.34
H14 RIO B . -1.55 3.15 0.44
HO8 RIO B . -3.16 4.04 1.44
H15 RIO B . -1.68 1.07 2.64
HN4 RIO B . -2.32 0.95 -0.21
HN4A RIO B . -2.43 -0.29 0.86
H16 RIO B . 0.64 -4.02 1.46
HO9 RIO B . -0.52 -5.96 0.95
H17 RIO B . -0.93 -3.17 2.89
HO10 RIO B . -2.39 -5.41 1.93
HN3B RIO B . 3.96 3.22 2.89
HN4B RIO B . -3.41 1.03 1.02
HN1B RIO B . 4.10 -1.28 -4.38
HN2B RIO B . 2.86 2.31 -0.99
O1 RIO B . -4.66 -3.36 2.37
C1 RIO B . -3.59 -2.57 1.92
C2 RIO B . -2.69 -3.36 0.94
O2 RIO B . -1.89 -2.46 0.20
C3 RIO B . -0.74 -3.14 -0.28
O3 RIO B . 0.39 -2.27 -0.20
C4 RIO B . 0.64 -1.47 -1.34
C5 RIO B . 1.80 -2.11 -2.10
O4 RIO B . 1.42 -3.39 -2.58
C6 RIO B . 2.28 -1.28 -3.29
N1 RIO B . 3.42 -1.90 -3.97
C7 RIO B . 2.68 0.09 -2.77
C8 RIO B . 1.52 0.77 -2.04
N2 RIO B . 1.98 2.07 -1.56
C9 RIO B . 1.03 -0.11 -0.87
O5 RIO B . -0.11 0.59 -0.33
C10 RIO B . -0.36 0.46 1.07
O6 RIO B . 0.61 1.18 1.82
C11 RIO B . 0.54 2.60 1.76
C12 RIO B . 1.59 3.20 2.69
N3 RIO B . 2.93 2.84 2.27
C13 RIO B . -0.85 3.12 2.19
O7 RIO B . -0.92 4.52 2.03
C14 RIO B . -1.93 2.45 1.34
O8 RIO B . -3.21 2.84 1.79
C15 RIO B . -1.78 0.92 1.43
N4 RIO B . -2.80 0.29 0.57
C16 RIO B . -0.58 -4.40 0.58
O9 RIO B . -0.72 -5.57 -0.23
C17 RIO B . -1.68 -4.26 1.63
O10 RIO B . -2.24 -5.50 2.04
HO1 RIO B . -5.25 -3.52 1.64
H1 RIO B . -4.00 -1.70 1.42
H1A RIO B . -2.99 -2.24 2.76
H2 RIO B . -3.31 -3.92 0.25
H3 RIO B . -0.92 -3.47 -1.31
H4 RIO B . -0.25 -1.41 -1.98
H5 RIO B . 2.63 -2.24 -1.40
HO4 RIO B . 2.17 -3.78 -3.03
H6 RIO B . 1.46 -1.16 -4.02
HN1 RIO B . 3.72 -1.32 -4.74
HN1A RIO B . 3.16 -2.81 -4.32
H7 RIO B . 3.53 -0.01 -2.09
H7A RIO B . 2.98 0.72 -3.61
H8 RIO B . 0.71 0.91 -2.74
HN2 RIO B . 2.28 2.63 -2.35
HN2A RIO B . 2.74 1.94 -0.91
H9 RIO B . 1.83 -0.17 -0.14
H10 RIO B . -0.29 -0.59 1.35
H11 RIO B . 0.74 2.93 0.74
H12 RIO B . 1.43 2.83 3.71
H12A RIO B . 1.48 4.29 2.69
HN3 RIO B . 3.22 3.49 1.54
HN3A RIO B . 2.93 1.91 1.90
H13 RIO B . -1.01 2.87 3.24
HO7 RIO B . -0.24 4.93 2.57
H14 RIO B . -1.80 2.76 0.30
HO8 RIO B . -3.45 3.65 1.33
H15 RIO B . -1.97 0.62 2.45
HN4 RIO B . -2.75 -0.71 0.68
HN4A RIO B . -3.72 0.61 0.85
H16 RIO B . 0.41 -4.40 1.05
HO9 RIO B . -0.64 -6.33 0.33
H17 RIO B . -1.28 -3.76 2.51
HO10 RIO B . -1.54 -6.04 2.41
HN3B RIO B . 3.56 2.90 3.05
HN4B RIO B . -2.64 0.53 -0.39
HN1B RIO B . 4.20 -2.01 -3.32
HN2B RIO B . 1.22 2.54 -1.08
O1 RIO B . -4.43 -2.92 2.42
C1 RIO B . -3.32 -2.20 1.91
C2 RIO B . -2.59 -2.97 0.82
O2 RIO B . -1.81 -2.07 0.05
C3 RIO B . -0.70 -2.75 -0.53
O3 RIO B . 0.43 -1.90 -0.51
C4 RIO B . 0.66 -1.15 -1.69
C5 RIO B . 1.86 -1.78 -2.40
O4 RIO B . 1.52 -3.10 -2.80
C6 RIO B . 2.29 -1.01 -3.65
N1 RIO B . 3.51 -1.59 -4.24
C7 RIO B . 2.57 0.43 -3.25
C8 RIO B . 1.39 1.07 -2.55
N2 RIO B . 1.73 2.45 -2.20
C9 RIO B . 1.02 0.25 -1.28
O5 RIO B . -0.09 0.96 -0.71
C10 RIO B . -0.30 0.87 0.69
O6 RIO B . 0.67 1.64 1.39
C11 RIO B . 0.58 3.06 1.27
C12 RIO B . 1.68 3.74 2.10
N3 RIO B . 3.00 3.28 1.71
C13 RIO B . -0.78 3.56 1.76
O7 RIO B . -0.90 4.95 1.54
C14 RIO B . -1.91 2.83 1.01
O8 RIO B . -3.16 3.18 1.57
C15 RIO B . -1.72 1.32 1.04
N4 RIO B . -2.69 0.70 0.12
C16 RIO B . -0.49 -4.03 0.31
O9 RIO B . -0.53 -5.18 -0.53
C17 RIO B . -1.60 -4.00 1.36
O10 RIO B . -2.22 -5.25 1.57
HO1 RIO B . -5.10 -2.97 1.74
H1 RIO B . -3.68 -1.25 1.51
H1A RIO B . -2.62 -1.98 2.73
H2 RIO B . -3.30 -3.45 0.14
H3 RIO B . -0.94 -3.07 -1.54
H4 RIO B . -0.22 -1.11 -2.35
H5 RIO B . 2.70 -1.83 -1.71
HO4 RIO B . 2.29 -3.51 -3.23
H6 RIO B . 1.50 -1.03 -4.40
HN1 RIO B . 4.25 -1.57 -3.56
HN1A RIO B . 3.78 -1.06 -5.06
H7 RIO B . 3.43 0.45 -2.57
H7A RIO B . 2.82 1.02 -4.15
H8 RIO B . 0.54 1.09 -3.23
HN2 RIO B . 2.53 2.46 -1.59
HN2A RIO B . 0.94 2.89 -1.74
H9 RIO B . 1.87 0.25 -0.61
H10 RIO B . -0.21 -0.16 1.01
H11 RIO B . 0.73 3.35 0.22
H12 RIO B . 1.52 3.53 3.16
H12A RIO B . 1.61 4.81 1.93
HN3 RIO B . 3.37 3.87 0.98
HN3A RIO B . 2.93 2.33 1.37
H13 RIO B . -0.87 3.36 2.82
HO7 RIO B . -0.82 5.11 0.60
H14 RIO B . -1.89 3.15 -0.03
HO8 RIO B . -3.43 4.03 1.21
H15 RIO B . -1.94 0.96 2.05
HN4 RIO B . -2.65 -0.31 0.20
HN4A RIO B . -3.62 1.03 0.33
H16 RIO B . 0.48 -3.98 0.77
HO9 RIO B . -0.41 -5.96 0.02
H17 RIO B . -1.19 -3.62 2.29
HO10 RIO B . -2.92 -5.14 2.22
HN3B RIO B . 3.62 3.31 2.51
HN4B RIO B . -2.47 0.97 -0.83
HN1B RIO B . 3.32 -2.55 -4.51
HN2B RIO B . 1.94 2.96 -3.04
O1 RIO B . -4.69 -2.28 2.45
C1 RIO B . -3.34 -1.85 2.42
C2 RIO B . -2.45 -2.79 1.60
O2 RIO B . -1.76 -2.10 0.56
C3 RIO B . -0.56 -2.79 0.23
O3 RIO B . 0.54 -1.89 0.21
C4 RIO B . 0.76 -1.20 -1.02
C5 RIO B . 1.98 -1.86 -1.69
O4 RIO B . 1.65 -3.19 -2.05
C6 RIO B . 2.47 -1.13 -2.95
N1 RIO B . 3.69 -1.75 -3.51
C7 RIO B . 2.76 0.31 -2.58
C8 RIO B . 1.56 0.98 -1.93
N2 RIO B . 1.91 2.36 -1.60
C9 RIO B . 1.11 0.21 -0.68
O5 RIO B . 0.00 0.95 -0.18
C10 RIO B . -0.28 0.91 1.22
O6 RIO B . 0.73 1.62 1.95
C11 RIO B . 0.70 3.03 1.85
C12 RIO B . 1.85 3.62 2.68
N3 RIO B . 3.14 3.27 2.13
C13 RIO B . -0.63 3.57 2.38
O7 RIO B . -0.67 4.99 2.29
C14 RIO B . -1.77 2.98 1.55
O8 RIO B . -3.02 3.37 2.09
C15 RIO B . -1.68 1.44 1.52
N4 RIO B . -2.67 0.91 0.57
C16 RIO B . -0.34 -3.85 1.32
O9 RIO B . -0.67 -5.13 0.82
C17 RIO B . -1.31 -3.40 2.41
O10 RIO B . -1.73 -4.45 3.27
HO1 RIO B . -5.02 -2.37 1.55
H1 RIO B . -3.31 -0.87 1.97
H1A RIO B . -2.97 -1.79 3.43
H2 RIO B . -3.04 -3.58 1.15
H3 RIO B . -0.67 -3.28 -0.74
H4 RIO B . -0.12 -1.24 -1.66
H5 RIO B . 2.80 -1.88 -0.96
HO4 RIO B . 2.43 -3.60 -2.42
H6 RIO B . 1.68 -1.16 -3.70
HN1 RIO B . 3.50 -2.71 -3.76
HN1A RIO B . 4.43 -1.72 -2.82
H7 RIO B . 3.60 0.34 -1.87
H7A RIO B . 3.03 0.87 -3.48
H8 RIO B . 0.74 1.00 -2.64
HN2 RIO B . 2.18 2.85 -2.44
HN2A RIO B . 2.67 2.36 -0.94
H9 RIO B . 1.91 0.23 0.06
H10 RIO B . -0.27 -0.13 1.55
H11 RIO B . 0.83 3.34 0.81
H12 RIO B . 1.78 3.27 3.70
H12A RIO B . 1.77 4.71 2.68
HN3 RIO B . 3.40 3.92 1.40
HN3A RIO B . 3.10 2.33 1.75
H13 RIO B . -0.75 3.28 3.43
HO7 RIO B . -0.56 5.24 1.37
H14 RIO B . -1.70 3.36 0.53
HO8 RIO B . -3.38 4.07 1.53
H15 RIO B . -1.95 1.08 2.51
HN4 RIO B . -3.60 1.23 0.82
HN4A RIO B . -2.46 1.22 -0.37
H16 RIO B . 0.68 -3.84 1.68
HO9 RIO B . -0.57 -5.78 1.52
H17 RIO B . -0.84 -2.62 3.01
HO10 RIO B . -2.35 -4.09 3.91
HN3B RIO B . 3.85 3.30 2.85
HN4B RIO B . -2.66 -0.10 0.60
HN1B RIO B . 3.97 -1.24 -4.34
HN2B RIO B . 1.11 2.83 -1.19
O1 RIO B . -4.50 -2.83 2.42
C1 RIO B . -3.55 -2.12 1.66
C2 RIO B . -2.81 -3.04 0.69
O2 RIO B . -2.16 -2.26 -0.30
C3 RIO B . -0.97 -2.89 -0.73
O3 RIO B . 0.13 -2.00 -0.62
C4 RIO B . 0.36 -1.16 -1.74
C5 RIO B . 1.54 -1.77 -2.52
O4 RIO B . 1.18 -3.03 -3.04
C6 RIO B . 1.98 -0.88 -3.70
N1 RIO B . 3.08 -1.49 -4.47
C7 RIO B . 2.42 0.47 -3.13
C8 RIO B . 1.29 1.11 -2.34
N2 RIO B . 1.77 2.38 -1.80
C9 RIO B . 0.77 0.18 -1.22
O5 RIO B . -0.35 0.89 -0.67
C10 RIO B . -0.65 0.67 0.70
O6 RIO B . 0.27 1.36 1.54
C11 RIO B . 0.23 2.78 1.50
C12 RIO B . 1.30 3.36 2.41
N3 RIO B . 2.60 2.85 2.03
C13 RIO B . -1.16 3.29 1.96
O7 RIO B . -1.22 4.70 1.85
C14 RIO B . -2.23 2.66 1.07
O8 RIO B . -3.51 2.98 1.58
C15 RIO B . -2.10 1.12 1.02
N4 RIO B . -3.04 0.58 0.02
C16 RIO B . -0.76 -4.11 0.18
O9 RIO B . -1.10 -5.30 -0.51
C17 RIO B . -1.68 -3.83 1.36
O10 RIO B . -2.12 -4.98 2.05
HO1 RIO B . -5.24 -3.04 1.83
H1 RIO B . -4.07 -1.35 1.09
H1A RIO B . -2.82 -1.63 2.32
H2 RIO B . -3.50 -3.72 0.21
H3 RIO B . -1.10 -3.24 -1.77
H4 RIO B . -0.52 -1.06 -2.37
H5 RIO B . 2.38 -1.88 -1.84
HO4 RIO B . 0.93 -3.61 -2.30
H6 RIO B . 1.13 -0.72 -4.38
HN1 RIO B . 3.34 -0.87 -5.23
HN1A RIO B . 2.78 -2.37 -4.85
H7 RIO B . 3.28 0.31 -2.48
H7A RIO B . 2.70 1.13 -3.95
H8 RIO B . 0.47 1.32 -3.03
HN2 RIO B . 2.55 2.20 -1.17
HN2A RIO B . 1.03 2.83 -1.30
H9 RIO B . 1.57 0.09 -0.48
H10 RIO B . -0.60 -0.39 0.94
H11 RIO B . 0.40 3.13 0.49
H12 RIO B . 1.10 3.09 3.44
H12A RIO B . 1.31 4.45 2.32
HN3 RIO B . 2.99 3.42 1.29
HN3A RIO B . 2.50 1.89 1.70
H13 RIO B . -1.32 3.00 3.00
HO7 RIO B . -2.08 4.98 2.14
H14 RIO B . -2.12 3.06 0.06
HO8 RIO B . -3.70 3.90 1.35
H15 RIO B . -2.36 0.72 1.98
HN4 RIO B . -2.81 0.94 -0.89
HN4A RIO B . -2.99 -0.42 0.02
H16 RIO B . 0.28 -4.18 0.52
HO9 RIO B . -1.01 -6.05 0.08
H17 RIO B . -1.17 -3.18 2.06
HO10 RIO B . -2.72 -4.72 2.74
HN3B RIO B . 3.22 2.87 2.83
HN4B RIO B . -3.99 0.88 0.26
HN1B RIO B . 3.87 -1.62 -3.86
HN2B RIO B . 2.08 2.97 -2.56
O1 RIO B . -4.87 -3.54 0.16
C1 RIO B . -3.68 -3.06 0.73
C2 RIO B . -2.47 -3.67 0.05
O2 RIO B . -1.76 -2.70 -0.71
C3 RIO B . -0.42 -3.13 -0.89
O3 RIO B . 0.48 -2.06 -0.64
C4 RIO B . 0.78 -1.23 -1.75
C5 RIO B . 2.12 -1.72 -2.35
O4 RIO B . 1.94 -2.99 -2.93
C6 RIO B . 2.67 -0.79 -3.45
N1 RIO B . 3.93 -1.31 -3.97
C7 RIO B . 2.88 0.59 -2.86
C8 RIO B . 1.54 1.11 -2.32
N2 RIO B . 1.75 2.46 -1.79
C9 RIO B . 0.98 0.16 -1.23
O5 RIO B . -0.27 0.72 -0.83
C10 RIO B . -0.64 0.59 0.54
O6 RIO B . 0.16 1.43 1.37
C11 RIO B . -0.08 2.83 1.23
C12 RIO B . 0.86 3.62 2.14
N3 RIO B . 2.23 3.46 1.71
C13 RIO B . -1.53 3.16 1.63
O7 RIO B . -1.76 4.55 1.51
C14 RIO B . -2.46 2.38 0.70
O8 RIO B . -3.80 2.62 1.11
C15 RIO B . -2.14 0.88 0.75
N4 RIO B . -2.98 0.16 -0.21
C16 RIO B . -0.18 -4.26 0.13
O9 RIO B . -0.10 -5.50 -0.53
C17 RIO B . -1.41 -4.15 1.04
O10 RIO B . -1.76 -5.37 1.68
HO1 RIO B . -5.63 -3.03 0.45
H1 RIO B . -3.65 -2.00 0.56
H1A RIO B . -3.67 -3.26 1.80
H2 RIO B . -2.78 -4.47 -0.60
H3 RIO B . -0.29 -3.53 -1.89
H4 RIO B . 0.00 -1.23 -2.50
H5 RIO B . 2.85 -1.80 -1.55
HO4 RIO B . 2.78 -3.29 -3.27
H6 RIO B . 1.95 -0.73 -4.27
HN1 RIO B . 3.80 -2.23 -4.37
HN1A RIO B . 4.61 -1.36 -3.23
H7 RIO B . 3.60 0.52 -2.04
H7A RIO B . 3.27 1.25 -3.63
H8 RIO B . 0.83 1.17 -3.14
HN2 RIO B . 2.40 2.43 -1.02
HN2A RIO B . 0.86 2.82 -1.46
H9 RIO B . 1.68 0.15 -0.40
H10 RIO B . -0.49 -0.45 0.86
H11 RIO B . 0.08 3.14 0.21
H12 RIO B . 0.75 3.25 3.15
H12A RIO B . 0.60 4.67 2.11
HN3 RIO B . 2.45 4.18 1.02
HN3A RIO B . 2.35 2.55 1.28
H13 RIO B . -1.70 2.86 2.66
HO7 RIO B . -1.15 5.01 2.09
H14 RIO B . -2.33 2.74 -0.32
HO8 RIO B . -4.04 3.51 0.81
H15 RIO B . -2.40 0.52 1.74
HN4 RIO B . -2.79 -0.83 -0.13
HN4A RIO B . -3.96 0.34 0.00
H16 RIO B . 0.74 -4.09 0.71
HO9 RIO B . 0.63 -5.47 -1.15
H17 RIO B . -1.24 -3.39 1.78
HO10 RIO B . -1.03 -5.64 2.24
HN3B RIO B . 2.85 3.55 2.50
HN4B RIO B . -2.78 0.47 -1.14
HN1B RIO B . 4.29 -0.68 -4.69
HN2B RIO B . 2.11 3.06 -2.52
O1 RIO B . -4.48 -3.23 2.70
C1 RIO B . -3.52 -2.43 2.03
C2 RIO B . -2.73 -3.24 1.00
O2 RIO B . -2.00 -2.35 0.17
C3 RIO B . -0.82 -2.96 -0.31
O3 RIO B . 0.27 -2.06 -0.17
C4 RIO B . 0.57 -1.27 -1.31
C5 RIO B . 1.81 -1.90 -1.99
O4 RIO B . 1.45 -3.16 -2.52
C6 RIO B . 2.41 -1.05 -3.12
N1 RIO B . 3.61 -1.68 -3.69
C7 RIO B . 2.75 0.33 -2.57
C8 RIO B . 1.52 0.98 -1.96
N2 RIO B . 1.87 2.32 -1.46
C9 RIO B . 0.94 0.10 -0.82
O5 RIO B . -0.23 0.80 -0.38
C10 RIO B . -0.56 0.71 1.01
O6 RIO B . 0.30 1.55 1.78
C11 RIO B . 0.09 2.96 1.66
C12 RIO B . 1.08 3.70 2.57
N3 RIO B . 2.38 3.76 1.95
C13 RIO B . -1.34 3.33 2.07
O7 RIO B . -1.55 4.72 1.89
C14 RIO B . -2.31 2.57 1.19
O8 RIO B . -3.64 2.80 1.60
C15 RIO B . -2.03 1.06 1.25
N4 RIO B . -2.92 0.36 0.29
C16 RIO B . -0.61 -4.23 0.54
O9 RIO B . -0.79 -5.37 -0.28
C17 RIO B . -1.66 -4.12 1.64
O10 RIO B . -2.16 -5.36 2.10
HO1 RIO B . -5.18 -3.43 2.06
H1 RIO B . -4.04 -1.61 1.53
H1A RIO B . -2.83 -2.01 2.77
H2 RIO B . -3.39 -3.84 0.38
H3 RIO B . -0.95 -3.26 -1.35
H4 RIO B . -0.26 -1.19 -2.01
H5 RIO B . 2.58 -2.06 -1.23
HO4 RIO B . 2.24 -3.55 -2.91
H6 RIO B . 1.66 -0.93 -3.92
HN1 RIO B . 4.32 -1.78 -2.96
HN1A RIO B . 3.98 -1.09 -4.43
H7 RIO B . 3.51 0.22 -1.79
H7A RIO B . 3.17 0.95 -3.37
H8 RIO B . 0.77 1.09 -2.74
HN2 RIO B . 2.22 2.88 -2.22
HN2A RIO B . 2.56 2.24 -0.75
H9 RIO B . 1.67 0.03 -0.03
H10 RIO B . -0.42 -0.32 1.34
H11 RIO B . 0.26 3.27 0.63
H12 RIO B . 1.14 3.19 3.53
H12A RIO B . 0.72 4.72 2.73
HN3 RIO B . 2.42 4.56 1.33
HN3A RIO B . 2.55 2.91 1.44
H13 RIO B . -1.51 3.08 3.12
HO7 RIO B . -1.40 4.93 0.98
H14 RIO B . -2.19 2.90 0.15
HO8 RIO B . -3.91 3.65 1.24
H15 RIO B . -2.29 0.70 2.24
HN4 RIO B . -2.81 -0.62 0.39
HN4A RIO B . -3.87 0.63 0.48
H16 RIO B . 0.39 -4.23 0.98
HO9 RIO B . -0.13 -5.37 -0.97
H17 RIO B . -1.23 -3.60 2.49
HO10 RIO B . -2.83 -5.20 2.77
HN3B RIO B . 3.09 3.87 2.67
HN4B RIO B . -2.68 0.65 -0.65
HN1B RIO B . 3.37 -2.59 -4.06
HN2B RIO B . 1.03 2.76 -1.09
O1 RIO B . -4.57 -2.20 2.35
C1 RIO B . -3.55 -1.58 1.61
C2 RIO B . -2.85 -2.55 0.65
O2 RIO B . -1.92 -1.83 -0.14
C3 RIO B . -0.83 -2.66 -0.51
O3 RIO B . 0.39 -1.95 -0.30
C4 RIO B . 0.82 -1.18 -1.41
C5 RIO B . 1.96 -1.94 -2.10
O4 RIO B . 1.50 -3.20 -2.58
C6 RIO B . 2.56 -1.17 -3.30
N1 RIO B . 3.66 -1.92 -3.93
C7 RIO B . 3.05 0.16 -2.79
C8 RIO B . 1.94 0.93 -2.08
N2 RIO B . 2.50 2.22 -1.60
C9 RIO B . 1.36 0.12 -0.89
O5 RIO B . 0.31 0.95 -0.35
C10 RIO B . -0.02 0.83 1.03
O6 RIO B . 0.98 1.41 1.86
C11 RIO B . 1.05 2.83 1.90
C12 RIO B . 2.16 3.27 2.87
N3 RIO B . 3.47 2.92 2.34
C13 RIO B . -0.28 3.41 2.43
O7 RIO B . -0.22 4.83 2.45
C14 RIO B . -1.40 2.98 1.49
O8 RIO B . -2.66 3.41 2.00
C15 RIO B . -1.41 1.45 1.32
N4 RIO B . -2.38 1.09 0.27
C16 RIO B . -0.91 -3.92 0.36
O9 RIO B . -1.25 -5.04 -0.45
C17 RIO B . -2.00 -3.58 1.38
O10 RIO B . -2.75 -4.70 1.81
HO1 RIO B . -5.23 -2.55 1.74
H1 RIO B . -3.98 -0.76 1.02
H1A RIO B . -2.81 -1.15 2.30
H2 RIO B . -3.57 -3.03 0.00
H3 RIO B . -0.94 -2.96 -1.56
H4 RIO B . 0.02 -0.97 -2.12
H5 RIO B . 2.75 -2.12 -1.38
HO4 RIO B . 0.81 -3.04 -3.22
H6 RIO B . 1.77 -1.00 -4.04
HN1 RIO B . 4.03 -1.38 -4.70
HN1A RIO B . 3.32 -2.80 -4.27
H7 RIO B . 3.87 0.00 -2.09
H7A RIO B . 3.41 0.76 -3.63
H8 RIO B . 1.16 1.15 -2.79
HN2 RIO B . 3.25 2.04 -0.95
HN2A RIO B . 1.78 2.75 -1.15
H9 RIO B . 2.15 -0.02 -0.16
H10 RIO B . -0.11 -0.22 1.28
H11 RIO B . 1.25 3.23 0.91
H12 RIO B . 2.02 2.78 3.83
H12A RIO B . 2.12 4.35 3.00
HN3 RIO B . 3.71 3.57 1.61
HN3A RIO B . 3.44 1.99 1.96
H13 RIO B . -0.47 3.05 3.43
HO7 RIO B . 0.50 5.10 3.03
H14 RIO B . -1.25 3.46 0.52
HO8 RIO B . -3.28 3.44 1.27
H15 RIO B . -1.76 1.02 2.26
HN4 RIO B . -2.07 1.46 -0.62
HN4A RIO B . -2.45 0.09 0.21
H16 RIO B . 0.04 -4.12 0.85
HO9 RIO B . -0.56 -5.17 -1.10
H17 RIO B . -1.53 -3.13 2.24
HO10 RIO B . -2.17 -5.32 2.24
HN3B RIO B . 4.15 2.97 3.08
HN4B RIO B . -3.28 1.46 0.51
HN1B RIO B . 4.39 -2.07 -3.26
HN2B RIO B . 2.87 2.73 -2.40
O1 RIO B . -4.83 -2.82 2.11
C1 RIO B . -3.70 -2.09 1.69
C2 RIO B . -2.89 -2.88 0.65
O2 RIO B . -2.04 -2.00 -0.07
C3 RIO B . -0.94 -2.72 -0.61
O3 RIO B . 0.25 -1.93 -0.50
C4 RIO B . 0.58 -1.19 -1.64
C5 RIO B . 1.72 -1.94 -2.34
O4 RIO B . 1.29 -3.22 -2.76
C6 RIO B . 2.23 -1.21 -3.60
N1 RIO B . 3.37 -1.91 -4.21
C7 RIO B . 2.66 0.19 -3.18
C8 RIO B . 1.56 0.95 -2.45
N2 RIO B . 2.10 2.25 -2.06
C9 RIO B . 1.06 0.16 -1.21
O5 RIO B . 0.01 0.94 -0.62
C10 RIO B . -0.22 0.80 0.77
O6 RIO B . 0.82 1.39 1.53
C11 RIO B . 0.87 2.82 1.55
C12 RIO B . 2.03 3.27 2.45
N3 RIO B . 3.33 2.81 2.00
C13 RIO B . -0.43 3.40 2.11
O7 RIO B . -0.40 4.81 2.09
C14 RIO B . -1.62 2.90 1.26
O8 RIO B . -2.84 3.35 1.80
C15 RIO B . -1.59 1.36 1.20
N4 RIO B . -2.67 0.89 0.30
C16 RIO B . -0.84 -4.03 0.18
O9 RIO B . -1.11 -5.13 -0.68
C17 RIO B . -1.92 -3.87 1.27
O10 RIO B . -2.53 -5.09 1.65
HO1 RIO B . -5.45 -2.90 1.37
H1 RIO B . -4.02 -1.14 1.27
H1A RIO B . -3.06 -1.89 2.55
H2 RIO B . -3.54 -3.37 -0.06
H3 RIO B . -1.15 -2.98 -1.66
H4 RIO B . -0.27 -1.06 -2.31
H5 RIO B . 2.55 -2.06 -1.64
HO4 RIO B . 2.01 -3.67 -3.18
H6 RIO B . 1.42 -1.14 -4.33
HN1 RIO B . 4.13 -1.97 -3.55
HN1A RIO B . 3.68 -1.41 -5.02
H7 RIO B . 3.53 0.10 -2.52
H7A RIO B . 2.95 0.75 -4.07
H8 RIO B . 0.72 1.11 -3.14
HN2 RIO B . 2.37 2.77 -2.89
HN2A RIO B . 2.92 2.12 -1.48
H9 RIO B . 1.93 0.10 -0.54
H10 RIO B . -0.28 -0.26 1.03
H11 RIO B . 1.06 3.20 0.54
H12 RIO B . 1.85 2.88 3.46
H12A RIO B . 2.04 4.36 2.49
HN3 RIO B . 3.66 3.42 1.26
HN3A RIO B . 3.24 1.86 1.65
H13 RIO B . -0.56 3.06 3.13
HO7 RIO B . -1.24 5.14 2.42
H14 RIO B . -1.52 3.30 0.26
HO8 RIO B . -3.20 4.00 1.20
H15 RIO B . -1.81 0.99 2.19
HN4 RIO B . -2.69 -0.12 0.32
HN4A RIO B . -3.55 1.25 0.61
H16 RIO B . 0.14 -4.15 0.61
HO9 RIO B . -1.98 -5.02 -1.07
H17 RIO B . -1.45 -3.43 2.15
HO10 RIO B . -3.19 -4.90 2.32
HN3B RIO B . 3.98 2.83 2.76
HN4B RIO B . -2.48 1.20 -0.64
HN1B RIO B . 3.09 -2.84 -4.48
HN2B RIO B . 1.41 2.77 -1.56
O1 RIO B . -5.02 -2.11 2.63
C1 RIO B . -3.96 -1.47 1.93
C2 RIO B . -3.20 -2.44 1.02
O2 RIO B . -2.34 -1.71 0.15
C3 RIO B . -1.24 -2.51 -0.23
O3 RIO B . -0.04 -1.74 -0.16
C4 RIO B . 0.26 -1.00 -1.32
C5 RIO B . 1.50 -1.65 -1.97
O4 RIO B . 1.17 -2.95 -2.39
C6 RIO B . 2.04 -0.89 -3.20
N1 RIO B . 3.26 -1.52 -3.74
C7 RIO B . 2.34 0.55 -2.78
C8 RIO B . 1.13 1.20 -2.10
N2 RIO B . 1.51 2.56 -1.68
C9 RIO B . 0.63 0.39 -0.90
O5 RIO B . -0.49 1.13 -0.38
C10 RIO B . -0.74 1.06 1.02
O6 RIO B . 0.26 1.74 1.76
C11 RIO B . 0.27 3.17 1.67
C12 RIO B . 1.44 3.73 2.48
N3 RIO B . 2.71 3.29 1.95
C13 RIO B . -1.04 3.75 2.20
O7 RIO B . -1.04 5.16 2.07
C14 RIO B . -2.20 3.16 1.41
O8 RIO B . -3.43 3.55 2.01
C15 RIO B . -2.15 1.62 1.35
N4 RIO B . -3.14 1.15 0.36
C16 RIO B . -1.19 -3.71 0.72
O9 RIO B . -1.49 -4.90 0.02
C17 RIO B . -2.24 -3.36 1.77
O10 RIO B . -2.90 -4.50 2.32
HO1 RIO B . -5.72 -2.30 2.01
H1 RIO B . -4.39 -0.68 1.33
H1A RIO B . -3.27 -1.03 2.65
H2 RIO B . -3.89 -3.02 0.41
H3 RIO B . -1.40 -2.88 -1.24
H4 RIO B . -0.56 -0.95 -2.03
H5 RIO B . 2.29 -1.70 -1.23
HO4 RIO B . 0.88 -3.44 -1.62
H6 RIO B . 1.27 -0.88 -3.98
HN1 RIO B . 3.06 -2.47 -4.01
HN1A RIO B . 3.98 -1.52 -3.03
H7 RIO B . 3.18 0.54 -2.10
H7A RIO B . 2.62 1.12 -3.67
H8 RIO B . 0.33 1.29 -2.83
HN2 RIO B . 1.81 3.09 -2.49
HN2A RIO B . 2.26 2.50 -1.01
H9 RIO B . 1.42 0.34 -0.14
H10 RIO B . -0.75 0.02 1.34
H11 RIO B . 0.40 3.47 0.62
H12 RIO B . 1.34 3.39 3.52
H12A RIO B . 1.40 4.82 2.46
HN3 RIO B . 2.99 3.91 1.21
HN3A RIO B . 2.62 2.35 1.59
H13 RIO B . -1.15 3.49 3.25
HO7 RIO B . -1.87 5.50 2.41
H14 RIO B . -2.18 3.55 0.40
HO8 RIO B . -3.69 4.40 1.65
H15 RIO B . -2.42 1.24 2.33
HN4 RIO B . -3.16 0.14 0.37
HN4A RIO B . -4.05 1.49 0.62
H16 RIO B . -0.21 -3.80 1.18
HO9 RIO B . -0.81 -5.03 -0.66
H17 RIO B . -1.78 -2.81 2.58
HO10 RIO B . -2.24 -5.05 2.75
HN3B RIO B . 3.41 3.30 2.68
HN4B RIO B . -2.90 1.49 -0.55
HN1B RIO B . 3.59 -0.99 -4.54
HN2B RIO B . 0.71 3.01 -1.26
O1 RIO B . -5.20 -2.54 2.47
C1 RIO B . -4.02 -1.89 2.06
C2 RIO B . -3.16 -2.77 1.13
O2 RIO B . -2.33 -1.97 0.31
C3 RIO B . -1.19 -2.71 -0.11
O3 RIO B . -0.02 -1.89 -0.03
C4 RIO B . 0.29 -1.17 -1.20
C5 RIO B . 1.54 -1.81 -1.82
O4 RIO B . 1.26 -3.16 -2.18
C6 RIO B . 2.01 -1.08 -3.09
N1 RIO B . 3.25 -1.66 -3.66
C7 RIO B . 2.26 0.38 -2.73
C8 RIO B . 1.06 1.03 -2.06
N2 RIO B . 1.44 2.40 -1.72
C9 RIO B . 0.62 0.24 -0.81
O5 RIO B . -0.52 0.95 -0.31
C10 RIO B . -0.74 0.92 1.10
O6 RIO B . 0.26 1.66 1.79
C11 RIO B . 0.25 3.08 1.61
C12 RIO B . 1.40 3.73 2.37
N3 RIO B . 2.66 3.17 1.94
C13 RIO B . -1.08 3.66 2.11
O7 RIO B . -1.12 5.06 1.89
C14 RIO B . -2.24 2.99 1.36
O8 RIO B . -3.47 3.40 1.91
C15 RIO B . -2.15 1.46 1.45
N4 RIO B . -3.18 0.87 0.57
C16 RIO B . -1.07 -3.92 0.84
O9 RIO B . -1.33 -5.11 0.10
C17 RIO B . -2.15 -3.63 1.89
O10 RIO B . -2.72 -4.81 2.43
HO1 RIO B . -5.86 -2.53 1.77
H1 RIO B . -4.31 -0.99 1.51
H1A RIO B . -3.43 -1.60 2.92
H2 RIO B . -3.78 -3.39 0.48
H3 RIO B . -1.34 -3.07 -1.12
H4 RIO B . -0.53 -1.16 -1.93
H5 RIO B . 2.34 -1.81 -1.10
HO4 RIO B . 0.99 -3.63 -1.37
H6 RIO B . 1.22 -1.12 -3.86
HN1 RIO B . 3.99 -1.61 -2.96
HN1A RIO B . 3.52 -1.14 -4.48
H7 RIO B . 3.10 0.42 -2.05
H7A RIO B . 2.51 0.93 -3.64
H8 RIO B . 0.23 1.07 -2.78
HN2 RIO B . 0.66 2.86 -1.27
HN2A RIO B . 1.70 2.91 -2.56
H9 RIO B . 1.44 0.25 -0.10
H10 RIO B . -0.71 -0.12 1.46
H11 RIO B . 0.35 3.31 0.55
H12 RIO B . 1.27 3.55 3.44
H12A RIO B . 1.40 4.80 2.18
HN3 RIO B . 3.05 3.74 1.20
HN3A RIO B . 2.53 2.23 1.61
H13 RIO B . -1.18 3.47 3.19
HO7 RIO B . -1.05 5.22 0.93
H14 RIO B . -2.20 3.28 0.31
HO8 RIO B . -3.67 4.27 1.56
H15 RIO B . -2.37 1.16 2.47
HN4 RIO B . -4.08 1.21 0.83
HN4A RIO B . -2.99 1.12 -0.39
H16 RIO B . -0.08 -3.97 1.28
HO9 RIO B . -1.30 -5.85 0.71
H17 RIO B . -1.69 -3.05 2.69
HO10 RIO B . -2.02 -5.31 2.87
HN3B RIO B . 3.31 3.16 2.72
HN4B RIO B . -3.15 -0.14 0.67
HN1B RIO B . 3.08 -2.62 -3.90
HN2B RIO B . 2.22 2.39 -1.08
O1 RIO B . -4.60 -3.48 1.35
C1 RIO B . -3.40 -2.74 1.26
C2 RIO B . -2.39 -3.41 0.31
O2 RIO B . -1.78 -2.45 -0.54
C3 RIO B . -0.50 -2.91 -0.94
O3 RIO B . 0.46 -1.86 -0.84
C4 RIO B . 0.57 -0.98 -1.94
C5 RIO B . 1.68 -1.48 -2.87
O4 RIO B . 1.28 -2.66 -3.52
C6 RIO B . 2.08 -0.48 -3.98
N1 RIO B . 3.18 -0.97 -4.83
C7 RIO B . 2.48 0.83 -3.33
C8 RIO B . 1.28 1.36 -2.56
N2 RIO B . 1.57 2.71 -2.05
C9 RIO B . 0.94 0.37 -1.41
O5 RIO B . -0.13 0.99 -0.71
C10 RIO B . -0.22 0.77 0.69
O6 RIO B . 0.67 1.61 1.41
C11 RIO B . 0.38 3.01 1.40
C12 RIO B . 1.37 3.74 2.31
N3 RIO B . 2.72 3.58 1.82
C13 RIO B . -1.04 3.30 1.91
O7 RIO B . -1.32 4.68 1.80
C14 RIO B . -2.04 2.49 1.09
O8 RIO B . -3.34 2.66 1.62
C15 RIO B . -1.67 1.01 1.13
N4 RIO B . -2.59 0.25 0.28
C16 RIO B . -0.14 -4.07 0.00
O9 RIO B . -0.19 -5.31 -0.71
C17 RIO B . -1.21 -4.00 1.08
O10 RIO B . -1.51 -5.23 1.71
HO1 RIO B . -5.14 -3.27 0.59
H1 RIO B . -3.63 -1.74 0.90
H1A RIO B . -2.96 -2.65 2.25
H2 RIO B . -2.88 -4.17 -0.30
H3 RIO B . -0.54 -3.29 -1.96
H4 RIO B . -0.38 -0.88 -2.49
H5 RIO B . 2.56 -1.69 -2.26
HO4 RIO B . 1.07 -3.32 -2.85
H6 RIO B . 1.21 -0.32 -4.61
HN1 RIO B . 2.91 -1.84 -5.27
HN1A RIO B . 4.00 -1.13 -4.26
H7 RIO B . 3.32 0.67 -2.65
H7A RIO B . 2.78 1.55 -4.09
H8 RIO B . 0.42 1.44 -3.23
HN2 RIO B . 1.80 3.32 -2.83
HN2A RIO B . 2.34 2.67 -1.42
H9 RIO B . 1.82 0.28 -0.77
H10 RIO B . 0.01 -0.27 0.93
H11 RIO B . 0.49 3.40 0.38
H12 RIO B . 1.30 3.34 3.32
H12A RIO B . 1.13 4.80 2.33
HN3 RIO B . 2.92 4.30 1.13
HN3A RIO B . 2.81 2.67 1.39
H13 RIO B . -1.13 3.01 2.95
HO7 RIO B . -2.22 4.84 2.12
H14 RIO B . -2.00 2.85 0.05
HO8 RIO B . -3.64 3.55 1.41
H15 RIO B . -1.78 0.65 2.16
HN4 RIO B . -3.54 0.43 0.58
HN4A RIO B . -2.47 0.55 -0.68
H16 RIO B . 0.86 -3.95 0.42
HO9 RIO B . 0.46 -5.28 -1.41
H17 RIO B . -0.89 -3.28 1.82
HO10 RIO B . -0.71 -5.55 2.13
HN3B RIO B . 3.37 3.67 2.59
HN4B RIO B . -2.39 -0.73 0.37
HN1B RIO B . 3.38 -0.29 -5.54
HN2B RIO B . 0.75 3.07 -1.57
O1 RIO B . -4.81 -2.46 2.36
C1 RIO B . -3.57 -1.85 2.04
C2 RIO B . -2.71 -2.75 1.15
O2 RIO B . -1.80 -1.98 0.38
C3 RIO B . -0.68 -2.79 0.02
O3 RIO B . 0.51 -2.00 0.08
C4 RIO B . 0.82 -1.29 -1.10
C5 RIO B . 2.00 -2.03 -1.76
O4 RIO B . 1.60 -3.34 -2.14
C6 RIO B . 2.54 -1.31 -3.01
N1 RIO B . 3.70 -2.01 -3.61
C7 RIO B . 2.96 0.10 -2.60
C8 RIO B . 1.80 0.84 -1.95
N2 RIO B . 2.25 2.20 -1.59
C9 RIO B . 1.27 0.08 -0.71
O5 RIO B . 0.20 0.89 -0.21
C10 RIO B . -0.10 0.83 1.18
O6 RIO B . 0.92 1.48 1.94
C11 RIO B . 0.95 2.91 1.90
C12 RIO B . 2.08 3.42 2.79
N3 RIO B . 3.38 3.07 2.25
C13 RIO B . -0.38 3.48 2.42
O7 RIO B . -0.36 4.90 2.32
C14 RIO B . -1.54 2.94 1.58
O8 RIO B . -2.77 3.34 2.15
C15 RIO B . -1.49 1.41 1.50
N4 RIO B . -2.49 0.93 0.54
C16 RIO B . -0.65 -3.96 1.00
O9 RIO B . -0.82 -5.18 0.29
C17 RIO B . -1.80 -3.68 1.96
O10 RIO B . -2.46 -4.84 2.42
HO1 RIO B . -5.28 -2.65 1.54
H1 RIO B . -3.78 -0.91 1.53
H1A RIO B . -3.03 -1.61 2.96
H2 RIO B . -3.33 -3.33 0.48
H3 RIO B . -0.82 -3.18 -0.98
H4 RIO B . -0.01 -1.20 -1.79
H5 RIO B . 2.81 -2.12 -1.04
HO4 RIO B . 0.90 -3.25 -2.79
H6 RIO B . 1.75 -1.25 -3.77
HN1 RIO B . 4.02 -1.51 -4.42
HN1A RIO B . 3.42 -2.95 -3.87
H7 RIO B . 3.78 0.04 -1.89
H7A RIO B . 3.27 0.65 -3.50
H8 RIO B . 0.99 0.95 -2.67
HN2 RIO B . 3.01 2.13 -0.94
HN2A RIO B . 1.49 2.71 -1.17
H9 RIO B . 2.10 0.05 0.02
H10 RIO B . -0.13 -0.21 1.49
H11 RIO B . 1.11 3.25 0.87
H12 RIO B . 1.97 2.98 3.79
H12A RIO B . 2.01 4.49 2.88
HN3 RIO B . 3.63 3.73 1.53
HN3A RIO B . 3.36 2.14 1.88
H13 RIO B . -0.52 3.20 3.47
HO7 RIO B . -1.20 5.24 2.64
H14 RIO B . -1.47 3.36 0.57
HO8 RIO B . -3.16 4.01 1.57
H15 RIO B . -1.77 1.02 2.47
HN4 RIO B . -3.40 1.29 0.79
HN4A RIO B . -2.25 1.26 -0.39
H16 RIO B . 0.31 -3.99 1.52
HO9 RIO B . -0.82 -5.90 0.92
H17 RIO B . -1.41 -3.13 2.82
HO10 RIO B . -1.83 -5.39 2.89
HN3B RIO B . 4.07 3.11 2.99
HN4B RIO B . -2.52 -0.07 0.53
HN1B RIO B . 4.44 -2.07 -2.92
HN2B RIO B . 2.56 2.68 -2.43
O1 RIO B . -4.76 -2.33 2.09
C1 RIO B . -3.59 -1.66 1.67
C2 RIO B . -2.76 -2.53 0.72
O2 RIO B . -1.95 -1.72 -0.13
C3 RIO B . -0.82 -2.47 -0.57
O3 RIO B . 0.35 -1.67 -0.49
C4 RIO B . 0.59 -0.83 -1.61
C5 RIO B . 1.72 -1.49 -2.42
O4 RIO B . 1.30 -2.73 -2.94
C6 RIO B . 2.20 -0.62 -3.61
N1 RIO B . 3.28 -1.27 -4.36
C7 RIO B . 2.68 0.71 -3.05
C8 RIO B . 1.56 1.39 -2.26
N2 RIO B . 2.05 2.67 -1.76
C9 RIO B . 1.07 0.49 -1.10
O5 RIO B . -0.01 1.24 -0.50
C10 RIO B . -0.23 1.04 0.90
O6 RIO B . 0.83 1.61 1.66
C11 RIO B . 0.90 3.03 1.69
C12 RIO B . 2.09 3.46 2.53
N3 RIO B . 3.33 3.12 1.88
C13 RIO B . -0.39 3.62 2.29
O7 RIO B . -0.31 5.04 2.24
C14 RIO B . -1.59 3.15 1.48
O8 RIO B . -2.79 3.57 2.10
C15 RIO B . -1.59 1.62 1.33
N4 RIO B . -2.66 1.20 0.40
C16 RIO B . -0.71 -3.68 0.37
O9 RIO B . -1.00 -4.87 -0.35
C17 RIO B . -1.75 -3.39 1.46
O10 RIO B . -2.33 -4.55 2.03
HO1 RIO B . -5.29 -2.53 1.31
H1 RIO B . -3.88 -0.75 1.16
H1A RIO B . -2.99 -1.39 2.54
H2 RIO B . -3.41 -3.15 0.09
H3 RIO B . -0.98 -2.83 -1.58
H4 RIO B . -0.29 -0.69 -2.24
H5 RIO B . 2.56 -1.66 -1.75
HO4 RIO B . 2.03 -3.14 -3.40
H6 RIO B . 1.36 -0.44 -4.29
HN1 RIO B . 2.95 -2.15 -4.73
HN1A RIO B . 4.07 -1.43 -3.75
H7 RIO B . 3.53 0.55 -2.40
H7A RIO B . 2.98 1.37 -3.87
H8 RIO B . 0.73 1.59 -2.94
HN2 RIO B . 2.34 3.25 -2.53
HN2A RIO B . 2.83 2.52 -1.14
H9 RIO B . 1.89 0.36 -0.41
H10 RIO B . -0.28 -0.02 1.11
H11 RIO B . 1.02 3.42 0.67
H12 RIO B . 2.04 2.97 3.52
H12A RIO B . 2.06 4.53 2.68
HN3 RIO B . 3.51 3.78 1.14
HN3A RIO B . 3.26 2.18 1.50
H13 RIO B . -0.48 3.30 3.33
HO7 RIO B . -1.13 5.40 2.61
H14 RIO B . -1.54 3.60 0.49
HO8 RIO B . -3.43 3.75 1.40
H15 RIO B . -1.82 1.19 2.31
HN4 RIO B . -2.47 1.58 -0.52
HN4A RIO B . -2.69 0.20 0.35
H16 RIO B . 0.30 -3.77 0.79
HO9 RIO B . -0.96 -5.61 0.25
H17 RIO B . -1.26 -2.81 2.25
HO10 RIO B . -1.63 -5.06 2.46
HN3B RIO B . 4.09 3.16 2.55
HN4B RIO B . -3.55 1.55 0.74
HN1B RIO B . 3.57 -0.68 -5.13
HN2B RIO B . 1.30 3.15 -1.27
O1 RIO B . -5.27 -2.15 2.26
C1 RIO B . -4.07 -1.57 1.81
C2 RIO B . -3.36 -2.47 0.78
O2 RIO B . -2.57 -1.69 -0.10
C3 RIO B . -1.49 -2.48 -0.59
O3 RIO B . -0.27 -1.73 -0.46
C4 RIO B . 0.07 -0.91 -1.56
C5 RIO B . 1.23 -1.60 -2.28
O4 RIO B . 0.84 -2.87 -2.76
C6 RIO B . 1.76 -0.77 -3.47
N1 RIO B . 2.88 -1.45 -4.15
C7 RIO B . 2.24 0.57 -2.93
C8 RIO B . 1.12 1.28 -2.17
N2 RIO B . 1.66 2.54 -1.64
C9 RIO B . 0.53 0.40 -1.04
O5 RIO B . -0.56 1.17 -0.49
C10 RIO B . -0.88 1.00 0.88
O6 RIO B . 0.10 1.60 1.72
C11 RIO B . 0.16 3.03 1.69
C12 RIO B . 1.30 3.52 2.59
N3 RIO B . 2.56 2.93 2.21
C13 RIO B . -1.17 3.62 2.19
O7 RIO B . -1.13 5.03 2.10
C14 RIO B . -2.32 3.09 1.32
O8 RIO B . -3.56 3.49 1.88
C15 RIO B . -2.29 1.56 1.20
N4 RIO B . -3.26 1.15 0.17
C16 RIO B . -1.44 -3.76 0.26
O9 RIO B . -1.88 -4.86 -0.53
C17 RIO B . -2.38 -3.45 1.41
O10 RIO B . -3.03 -4.59 1.94
HO1 RIO B . -5.85 -2.27 1.50
H1 RIO B . -4.30 -0.61 1.37
H1A RIO B . -3.40 -1.41 2.66
H2 RIO B . -4.10 -3.01 0.18
H3 RIO B . -1.67 -2.74 -1.62
H4 RIO B . -0.78 -0.76 -2.24
H5 RIO B . 2.05 -1.74 -1.58
HO4 RIO B . 0.12 -2.75 -3.39
H6 RIO B . 0.96 -0.62 -4.19
HN1 RIO B . 2.57 -2.33 -4.52
HN1A RIO B . 3.63 -1.60 -3.50
H7 RIO B . 3.07 0.39 -2.25
H7A RIO B . 2.56 1.19 -3.75
H8 RIO B . 0.33 1.51 -2.87
HN2 RIO B . 0.94 3.03 -1.14
HN2A RIO B . 1.99 3.10 -2.42
H9 RIO B . 1.32 0.26 -0.28
H10 RIO B . -0.92 -0.06 1.12
H11 RIO B . 0.36 3.37 0.68
H12 RIO B . 1.07 3.27 3.62
H12A RIO B . 1.37 4.60 2.50
HN3 RIO B . 2.98 3.48 1.47
HN3A RIO B . 2.41 1.99 1.89
H13 RIO B . -1.32 3.32 3.23
HO7 RIO B . -1.98 5.38 2.42
H14 RIO B . -2.24 3.53 0.33
HO8 RIO B . -3.78 4.35 1.53
H15 RIO B . -2.60 1.14 2.16
HN4 RIO B . -2.98 1.52 -0.73
HN4A RIO B . -3.30 0.14 0.12
H16 RIO B . -0.43 -3.95 0.62
HO9 RIO B . -1.88 -5.64 0.03
H17 RIO B . -1.82 -2.94 2.18
HO10 RIO B . -3.62 -4.30 2.65
HN3B RIO B . 3.17 2.91 3.00
HN4B RIO B . -4.17 1.51 0.41
HN1B RIO B . 3.21 -0.87 -4.91
HN2B RIO B . 2.42 2.33 -1.01
O1 RIO B . -4.61 -2.87 2.04
C1 RIO B . -3.41 -2.19 1.74
C2 RIO B . -2.51 -2.99 0.79
O2 RIO B . -1.83 -2.14 -0.12
C3 RIO B . -0.63 -2.76 -0.54
O3 RIO B . 0.46 -1.85 -0.46
C4 RIO B . 0.66 -1.02 -1.60
C5 RIO B . 1.82 -1.62 -2.40
O4 RIO B . 1.46 -2.89 -2.91
C6 RIO B . 2.26 -0.75 -3.60
N1 RIO B . 3.39 -1.34 -4.33
C7 RIO B . 2.64 0.63 -3.06
C8 RIO B . 1.48 1.24 -2.29
N2 RIO B . 1.89 2.57 -1.81
C9 RIO B . 1.06 0.34 -1.11
O5 RIO B . -0.03 1.03 -0.51
C10 RIO B . -0.26 0.85 0.88
O6 RIO B . 0.71 1.57 1.65
C11 RIO B . 0.62 2.99 1.61
C12 RIO B . 1.71 3.59 2.52
N3 RIO B . 3.03 3.36 1.98
C13 RIO B . -0.75 3.46 2.13
O7 RIO B . -0.85 4.87 2.00
C14 RIO B . -1.86 2.81 1.30
O8 RIO B . -3.12 3.11 1.87
C15 RIO B . -1.68 1.28 1.25
N4 RIO B . -2.67 0.71 0.31
C16 RIO B . -0.39 -3.95 0.39
O9 RIO B . -0.62 -5.17 -0.29
C17 RIO B . -1.39 -3.71 1.52
O10 RIO B . -1.82 -4.89 2.18
HO1 RIO B . -5.12 -2.94 1.24
H1 RIO B . -3.66 -1.24 1.28
H1A RIO B . -2.86 -1.98 2.67
H2 RIO B . -3.11 -3.70 0.21
H3 RIO B . -0.74 -3.14 -1.57
H4 RIO B . -0.24 -0.94 -2.22
H5 RIO B . 2.68 -1.76 -1.74
HO4 RIO B . 0.70 -2.79 -3.51
H6 RIO B . 1.42 -0.64 -4.29
HN1 RIO B . 4.18 -1.44 -3.70
HN1A RIO B . 3.64 -0.74 -5.10
H7 RIO B . 3.50 0.53 -2.40
H7A RIO B . 2.90 1.28 -3.89
H8 RIO B . 0.64 1.37 -2.96
HN2 RIO B . 1.12 3.00 -1.32
HN2A RIO B . 2.14 3.14 -2.61
H9 RIO B . 1.90 0.26 -0.42
H10 RIO B . -0.18 -0.21 1.14
H11 RIO B . 0.77 3.36 0.60
H12 RIO B . 1.65 3.14 3.52
H12A RIO B . 1.55 4.67 2.61
HN3 RIO B . 3.23 4.05 1.27
HN3A RIO B . 3.07 2.43 1.56
H13 RIO B . -0.87 3.19 3.18
HO7 RIO B . -0.74 5.09 1.08
H14 RIO B . -1.82 3.20 0.29
HO8 RIO B . -3.38 3.98 1.56
H15 RIO B . -1.89 0.88 2.23
HN4 RIO B . -2.60 -0.29 0.32
HN4A RIO B . -3.60 0.99 0.60
H16 RIO B . 0.64 -3.96 0.78
HO9 RIO B . -0.52 -5.90 0.31
H17 RIO B . -0.94 -3.03 2.26
HO10 RIO B . -1.07 -5.30 2.60
HN3B RIO B . 3.72 3.42 2.71
HN4B RIO B . -2.50 1.07 -0.63
HN1B RIO B . 3.12 -2.25 -4.68
HN2B RIO B . 2.68 2.48 -1.19
#